data_6ASD
#
_entry.id   6ASD
#
_cell.length_a   73.502
_cell.length_b   31.951
_cell.length_c   65.414
_cell.angle_alpha   90.000
_cell.angle_beta   121.820
_cell.angle_gamma   90.000
#
_symmetry.space_group_name_H-M   'C 1 2 1'
#
loop_
_entity.id
_entity.type
_entity.pdbx_description
1 polymer "DNA (5'-D(*GP*CP*CP*AP*CP*CP*GP*GP*TP*GP*GP*C)-3')"
2 polymer 'Methylcytosine dioxygenase TET1'
3 non-polymer 'UNKNOWN ATOM OR ION'
4 non-polymer 'ZINC ION'
5 water water
#
loop_
_entity_poly.entity_id
_entity_poly.type
_entity_poly.pdbx_seq_one_letter_code
_entity_poly.pdbx_strand_id
1 'polydeoxyribonucleotide' (DG)(DC)(DC)(DA)(DC)(DC)(DG)(DG)(DT)(DG)(DG)(DC) A,B
2 'polypeptide(L)' GKRKRCGVCEPCQQKTNCGECTYCKNRKNSHQICKKRKCEELKKKPS C
#
loop_
_chem_comp.id
_chem_comp.type
_chem_comp.name
_chem_comp.formula
DA DNA linking 2'-DEOXYADENOSINE-5'-MONOPHOSPHATE 'C10 H14 N5 O6 P'
DC DNA linking 2'-DEOXYCYTIDINE-5'-MONOPHOSPHATE 'C9 H14 N3 O7 P'
DG DNA linking 2'-DEOXYGUANOSINE-5'-MONOPHOSPHATE 'C10 H14 N5 O7 P'
DT DNA linking THYMIDINE-5'-MONOPHOSPHATE 'C10 H15 N2 O8 P'
UNX non-polymer 'UNKNOWN ATOM OR ION' ?
ZN non-polymer 'ZINC ION' 'Zn 2'
#
# COMPACT_ATOMS: atom_id res chain seq x y z
CA GLY C 1 -15.80 -10.79 2.14
C GLY C 1 -14.75 -9.82 1.66
N LYS C 2 -13.55 -9.88 2.26
CA LYS C 2 -12.44 -8.93 1.99
C LYS C 2 -11.17 -9.65 1.61
N ARG C 3 -10.51 -9.19 0.54
CA ARG C 3 -9.29 -9.87 0.09
C ARG C 3 -8.14 -9.42 0.92
N LYS C 4 -7.18 -10.32 1.05
CA LYS C 4 -5.94 -10.04 1.74
C LYS C 4 -4.86 -9.82 0.70
N ARG C 5 -3.85 -9.01 1.04
CA ARG C 5 -2.70 -8.77 0.18
C ARG C 5 -2.03 -10.11 -0.21
N CYS C 6 -1.31 -10.12 -1.33
CA CYS C 6 -0.72 -11.37 -1.90
C CYS C 6 0.54 -11.76 -1.12
N GLY C 7 1.27 -10.75 -0.67
CA GLY C 7 2.47 -10.90 0.15
C GLY C 7 3.76 -11.06 -0.64
N VAL C 8 3.68 -11.20 -1.97
CA VAL C 8 4.87 -11.49 -2.80
CA VAL C 8 4.84 -11.52 -2.82
C VAL C 8 5.13 -10.55 -3.98
N CYS C 9 4.18 -9.67 -4.28
CA CYS C 9 4.38 -8.67 -5.33
C CYS C 9 5.42 -7.65 -4.84
N GLU C 10 5.98 -6.88 -5.76
CA GLU C 10 7.00 -5.89 -5.38
C GLU C 10 6.45 -4.87 -4.35
N PRO C 11 5.26 -4.30 -4.58
CA PRO C 11 4.70 -3.45 -3.51
C PRO C 11 4.56 -4.18 -2.16
N CYS C 12 4.17 -5.46 -2.16
CA CYS C 12 3.94 -6.20 -0.91
C CYS C 12 5.25 -6.45 -0.16
N GLN C 13 6.35 -6.52 -0.90
CA GLN C 13 7.63 -6.78 -0.33
C GLN C 13 8.32 -5.51 0.16
N GLN C 14 7.75 -4.32 -0.13
CA GLN C 14 8.33 -3.07 0.36
C GLN C 14 8.32 -3.09 1.86
N LYS C 15 9.44 -2.70 2.47
CA LYS C 15 9.57 -2.68 3.90
C LYS C 15 9.42 -1.26 4.51
N THR C 16 9.29 -0.23 3.67
CA THR C 16 9.15 1.14 4.19
C THR C 16 8.17 1.96 3.33
N ASN C 17 7.65 3.01 3.94
CA ASN C 17 6.76 3.95 3.25
C ASN C 17 7.55 4.89 2.34
N CYS C 18 6.96 5.29 1.22
CA CYS C 18 7.67 6.19 0.28
C CYS C 18 7.89 7.58 0.85
N GLY C 19 7.01 8.05 1.71
CA GLY C 19 7.21 9.31 2.38
C GLY C 19 6.77 10.53 1.58
N GLU C 20 6.41 10.34 0.31
CA GLU C 20 6.10 11.47 -0.59
C GLU C 20 4.68 11.43 -1.18
N CYS C 21 4.01 10.28 -1.18
CA CYS C 21 2.64 10.19 -1.67
C CYS C 21 1.64 10.83 -0.71
N THR C 22 0.42 11.03 -1.20
CA THR C 22 -0.57 11.81 -0.48
C THR C 22 -0.94 11.07 0.82
N TYR C 23 -0.97 9.74 0.76
CA TYR C 23 -1.35 8.94 1.91
C TYR C 23 -0.23 8.93 2.96
N CYS C 24 1.02 8.91 2.52
CA CYS C 24 2.17 9.04 3.45
C CYS C 24 2.15 10.37 4.14
N LYS C 25 1.98 11.44 3.36
CA LYS C 25 1.99 12.80 3.90
CA LYS C 25 1.98 12.81 3.88
C LYS C 25 0.78 13.08 4.82
N ASN C 26 -0.30 12.29 4.67
CA ASN C 26 -1.46 12.40 5.54
C ASN C 26 -1.67 11.17 6.43
N ARG C 27 -0.58 10.48 6.79
CA ARG C 27 -0.67 9.20 7.53
C ARG C 27 -1.59 9.26 8.76
N LYS C 28 -1.54 10.32 9.54
CA LYS C 28 -2.30 10.32 10.79
C LYS C 28 -3.83 10.25 10.56
N ASN C 29 -4.31 10.72 9.39
CA ASN C 29 -5.74 10.73 9.04
C ASN C 29 -6.16 9.69 7.98
N SER C 30 -5.22 9.18 7.21
CA SER C 30 -5.55 8.37 6.03
C SER C 30 -5.82 6.95 6.44
N HIS C 31 -6.81 6.32 5.81
CA HIS C 31 -7.07 4.90 6.00
C HIS C 31 -6.44 4.06 4.87
N GLN C 32 -5.49 4.64 4.10
CA GLN C 32 -4.95 4.00 2.91
C GLN C 32 -3.47 3.70 3.02
N ILE C 33 -3.08 2.55 2.52
CA ILE C 33 -1.65 2.21 2.50
C ILE C 33 -0.87 3.11 1.53
N CYS C 34 0.43 3.32 1.83
CA CYS C 34 1.36 4.01 0.93
C CYS C 34 1.12 3.57 -0.52
N LYS C 35 1.08 4.50 -1.45
CA LYS C 35 0.75 4.14 -2.86
C LYS C 35 1.80 3.22 -3.45
N LYS C 36 3.03 3.32 -2.94
CA LYS C 36 4.08 2.43 -3.44
C LYS C 36 4.08 1.03 -2.82
N ARG C 37 3.23 0.81 -1.80
CA ARG C 37 3.08 -0.51 -1.15
C ARG C 37 1.76 -1.23 -1.43
N LYS C 38 0.79 -0.53 -2.07
CA LYS C 38 -0.47 -1.14 -2.44
C LYS C 38 -0.24 -2.39 -3.31
N CYS C 39 -0.81 -3.51 -2.89
CA CYS C 39 -0.58 -4.81 -3.53
C CYS C 39 -1.06 -4.76 -4.96
N GLU C 40 -0.25 -5.26 -5.90
CA GLU C 40 -0.64 -5.23 -7.34
C GLU C 40 -1.89 -6.05 -7.60
N GLU C 41 -2.09 -7.12 -6.83
CA GLU C 41 -3.33 -7.94 -6.97
C GLU C 41 -4.57 -7.28 -6.39
N LEU C 42 -4.42 -6.41 -5.40
CA LEU C 42 -5.58 -5.67 -4.84
C LEU C 42 -6.03 -4.49 -5.73
N LYS C 43 -5.17 -4.05 -6.65
CA LYS C 43 -5.55 -2.99 -7.58
C LYS C 43 -6.50 -3.53 -8.62
N LYS C 44 -6.36 -4.83 -8.93
CA LYS C 44 -7.25 -5.54 -9.85
C LYS C 44 -8.57 -5.90 -9.13
N LYS C 45 -9.66 -5.85 -9.87
CA LYS C 45 -11.02 -6.13 -9.34
C LYS C 45 -11.16 -7.56 -8.82
UNK UNX D . -13.48 -0.80 13.39
UNK UNX E . -11.37 10.32 7.03
UNK UNX F . -5.09 11.27 2.50
UNK UNX G . -17.25 10.36 -1.61
UNK UNX H . -2.23 1.95 6.17
UNK UNX I . -19.57 7.73 0.26
UNK UNX J . -3.86 2.96 11.61
UNK UNX K . -2.98 -5.44 3.19
UNK UNX L . -7.21 -7.42 3.82
ZN ZN M . 0.68 -8.19 -3.23
ZN ZN N . 3.81 6.66 0.17
UNK UNX O . -6.45 2.20 -1.75
UNK UNX P . -3.42 6.15 9.00
UNK UNX Q . 4.29 -3.56 1.65
UNK UNX R . -4.37 -7.78 3.92
UNK UNX S . -9.79 -10.87 4.87
UNK UNX T . 0.34 10.86 -4.24
UNK UNX U . -6.03 -11.71 -3.17
UNK UNX V . -8.72 -11.53 -6.78
#